data_2L8F
#
_entry.id   2L8F
#
loop_
_entity.id
_entity.type
_entity.pdbx_description
1 polymer "RNA (5'-R(*GP*UP*GP*AP*AP*GP*CP*CP*CP*GP*U)-3')"
2 polymer "RNA (5'-R(*CP*GP*GP*AP*GP*GP*AP*CP*AP*CP*U)-3')"
#
loop_
_entity_poly.entity_id
_entity_poly.type
_entity_poly.pdbx_seq_one_letter_code
_entity_poly.pdbx_strand_id
1 'polyribonucleotide' GUGAAGCCCGU A
2 'polyribonucleotide' CGGAGGACACU B
#
loop_
_chem_comp.id
_chem_comp.type
_chem_comp.name
_chem_comp.formula
A RNA linking ADENOSINE-5'-MONOPHOSPHATE 'C10 H14 N5 O7 P'
C RNA linking CYTIDINE-5'-MONOPHOSPHATE 'C9 H14 N3 O8 P'
G RNA linking GUANOSINE-5'-MONOPHOSPHATE 'C10 H14 N5 O8 P'
U RNA linking URIDINE-5'-MONOPHOSPHATE 'C9 H13 N2 O9 P'
#